data_4KXM
#
_entry.id   4KXM
#
_cell.length_a   32.146
_cell.length_b   96.568
_cell.length_c   79.034
_cell.angle_alpha   90.000
_cell.angle_beta   101.580
_cell.angle_gamma   90.000
#
_symmetry.space_group_name_H-M   'P 1 21 1'
#
loop_
_entity.id
_entity.type
_entity.pdbx_description
1 polymer "2'-deoxynucleoside 5'-phosphate N-hydrolase 1"
2 non-polymer "N6-ISOPENTENYL-ADENOSINE-5'-MONOPHOSPHATE"
3 water water
#
_entity_poly.entity_id   1
_entity_poly.type   'polypeptide(L)'
_entity_poly.pdbx_seq_one_letter_code
;MRRSVYFCGSIRGGREDQALYARIVSRLRRYGKVLTEHVADAELEPLGEEAAGGDQFIHEQNLNWLQQADVVVAEVTQPS
LGVGYELGRAVALGKPILCLFRPQSGRVLSAMIRGAADGSRFQVWDYAEGEVETMLDRYFEAYLVEHHHHHH
;
_entity_poly.pdbx_strand_id   A,B,C,D
#
loop_
_chem_comp.id
_chem_comp.type
_chem_comp.name
_chem_comp.formula
6IA RNA linking N6-ISOPENTENYL-ADENOSINE-5'-MONOPHOSPHATE 'C15 H24 N5 O7 P'
#
# COMPACT_ATOMS: atom_id res chain seq x y z
N ARG A 3 -20.78 21.65 11.45
CA ARG A 3 -19.90 21.86 12.63
C ARG A 3 -18.49 21.29 12.41
N SER A 4 -18.33 20.37 11.47
CA SER A 4 -16.99 19.92 11.11
C SER A 4 -16.65 20.21 9.66
N VAL A 5 -15.50 20.84 9.47
CA VAL A 5 -15.09 21.33 8.18
C VAL A 5 -13.80 20.63 7.74
N TYR A 6 -13.82 20.11 6.52
CA TYR A 6 -12.64 19.57 5.88
C TYR A 6 -12.08 20.62 4.91
N PHE A 7 -10.87 21.09 5.18
CA PHE A 7 -10.21 22.03 4.26
C PHE A 7 -9.17 21.35 3.37
N CYS A 8 -9.28 21.55 2.07
CA CYS A 8 -8.31 21.03 1.08
C CYS A 8 -7.40 22.14 0.58
N GLY A 9 -6.11 21.86 0.48
CA GLY A 9 -5.14 22.79 -0.09
C GLY A 9 -3.90 22.04 -0.48
N SER A 10 -3.24 22.49 -1.55
CA SER A 10 -2.05 21.82 -2.08
C SER A 10 -0.92 21.67 -1.06
N ILE A 11 -0.32 20.48 -1.03
CA ILE A 11 0.89 20.24 -0.23
C ILE A 11 2.05 19.79 -1.12
N ARG A 12 2.02 18.55 -1.61
CA ARG A 12 3.06 18.11 -2.54
C ARG A 12 2.86 18.62 -3.99
N GLY A 13 1.71 19.26 -4.24
CA GLY A 13 1.50 20.00 -5.47
C GLY A 13 2.18 21.37 -5.45
N GLY A 14 2.70 21.76 -4.27
CA GLY A 14 3.36 23.04 -4.08
C GLY A 14 2.75 23.84 -2.94
N ARG A 15 3.60 24.59 -2.24
CA ARG A 15 3.21 25.33 -1.03
C ARG A 15 3.16 26.86 -1.21
N GLU A 16 3.04 27.31 -2.46
CA GLU A 16 3.02 28.74 -2.80
C GLU A 16 1.98 29.51 -2.00
N ASP A 17 0.81 28.90 -1.85
CA ASP A 17 -0.35 29.51 -1.21
C ASP A 17 -0.49 29.15 0.27
N GLN A 18 0.60 28.71 0.90
CA GLN A 18 0.59 28.30 2.31
C GLN A 18 0.01 29.39 3.25
N ALA A 19 0.44 30.63 3.07
CA ALA A 19 0.01 31.73 3.94
C ALA A 19 -1.49 31.98 3.80
N LEU A 20 -1.98 31.85 2.59
CA LEU A 20 -3.41 31.97 2.30
C LEU A 20 -4.22 30.82 2.92
N TYR A 21 -3.67 29.61 2.87
CA TYR A 21 -4.28 28.44 3.52
C TYR A 21 -4.43 28.68 5.02
N ALA A 22 -3.42 29.31 5.63
CA ALA A 22 -3.48 29.66 7.05
C ALA A 22 -4.59 30.67 7.35
N ARG A 23 -4.72 31.70 6.51
CA ARG A 23 -5.83 32.67 6.61
C ARG A 23 -7.20 31.99 6.44
N ILE A 24 -7.28 31.00 5.53
CA ILE A 24 -8.52 30.29 5.25
C ILE A 24 -8.93 29.41 6.43
N VAL A 25 -8.00 28.61 6.94
CA VAL A 25 -8.24 27.76 8.10
C VAL A 25 -8.67 28.61 9.30
N SER A 26 -7.94 29.69 9.55
CA SER A 26 -8.23 30.57 10.68
C SER A 26 -9.66 31.13 10.63
N ARG A 27 -10.11 31.49 9.43
CA ARG A 27 -11.47 31.99 9.24
C ARG A 27 -12.53 30.87 9.31
N LEU A 28 -12.18 29.68 8.82
CA LEU A 28 -13.10 28.53 8.85
C LEU A 28 -13.46 28.09 10.27
N ARG A 29 -12.55 28.34 11.21
CA ARG A 29 -12.71 27.98 12.62
C ARG A 29 -13.94 28.61 13.29
N ARG A 30 -14.34 29.79 12.82
CA ARG A 30 -15.53 30.47 13.34
C ARG A 30 -16.80 29.68 13.06
N TYR A 31 -16.78 28.92 11.96
CA TYR A 31 -17.95 28.20 11.47
C TYR A 31 -17.94 26.71 11.76
N GLY A 32 -16.79 26.18 12.16
CA GLY A 32 -16.70 24.77 12.51
C GLY A 32 -15.36 24.30 13.01
N LYS A 33 -15.34 23.08 13.52
CA LYS A 33 -14.09 22.40 13.85
C LYS A 33 -13.37 22.05 12.54
N VAL A 34 -12.19 22.63 12.34
CA VAL A 34 -11.40 22.36 11.15
C VAL A 34 -10.63 21.05 11.36
N LEU A 35 -10.93 20.05 10.54
CA LEU A 35 -10.36 18.72 10.70
C LEU A 35 -8.94 18.61 10.18
N THR A 36 -8.63 19.41 9.17
CA THR A 36 -7.40 19.30 8.40
C THR A 36 -6.48 20.51 8.61
N GLU A 37 -6.20 20.80 9.88
CA GLU A 37 -5.29 21.88 10.28
C GLU A 37 -3.91 21.78 9.60
N HIS A 38 -3.45 20.55 9.41
CA HIS A 38 -2.11 20.29 8.85
C HIS A 38 -1.84 21.01 7.53
N VAL A 39 -2.89 21.24 6.74
CA VAL A 39 -2.73 21.88 5.42
C VAL A 39 -2.11 23.28 5.56
N ALA A 40 -2.42 23.95 6.66
CA ALA A 40 -1.91 25.29 6.93
C ALA A 40 -0.47 25.29 7.45
N ASP A 41 -0.13 24.32 8.31
CA ASP A 41 1.19 24.27 8.97
C ASP A 41 2.31 23.79 8.03
N GLY A 54 4.68 6.40 5.08
CA GLY A 54 3.57 6.78 5.95
C GLY A 54 2.35 7.33 5.22
N ASP A 55 2.36 7.26 3.89
CA ASP A 55 1.23 7.71 3.06
C ASP A 55 -0.04 6.90 3.31
N GLN A 56 0.11 5.61 3.57
CA GLN A 56 -1.00 4.75 3.95
C GLN A 56 -1.78 5.32 5.14
N PHE A 57 -1.05 5.73 6.17
CA PHE A 57 -1.66 6.31 7.37
C PHE A 57 -2.41 7.60 7.03
N ILE A 58 -1.76 8.47 6.27
CA ILE A 58 -2.32 9.78 5.92
C ILE A 58 -3.63 9.66 5.15
N HIS A 59 -3.64 8.77 4.16
CA HIS A 59 -4.84 8.57 3.34
C HIS A 59 -6.03 8.08 4.18
N GLU A 60 -5.80 7.09 5.04
CA GLU A 60 -6.81 6.57 5.97
C GLU A 60 -7.31 7.62 6.98
N GLN A 61 -6.38 8.37 7.56
CA GLN A 61 -6.69 9.42 8.54
C GLN A 61 -7.59 10.48 7.89
N ASN A 62 -7.18 10.95 6.71
CA ASN A 62 -7.90 11.96 5.97
C ASN A 62 -9.27 11.50 5.44
N LEU A 63 -9.34 10.24 4.99
CA LEU A 63 -10.62 9.67 4.54
C LEU A 63 -11.60 9.55 5.70
N ASN A 64 -11.10 9.16 6.88
CA ASN A 64 -11.93 9.15 8.09
C ASN A 64 -12.48 10.54 8.42
N TRP A 65 -11.63 11.55 8.29
CA TRP A 65 -12.02 12.94 8.48
C TRP A 65 -13.04 13.42 7.45
N LEU A 66 -12.79 13.08 6.19
CA LEU A 66 -13.70 13.38 5.09
C LEU A 66 -15.08 12.78 5.29
N GLN A 67 -15.13 11.52 5.73
CA GLN A 67 -16.40 10.82 6.02
C GLN A 67 -17.23 11.49 7.11
N GLN A 68 -16.55 12.11 8.08
CA GLN A 68 -17.24 12.76 9.21
C GLN A 68 -17.51 14.26 9.00
N ALA A 69 -16.91 14.86 7.97
CA ALA A 69 -17.09 16.30 7.65
C ALA A 69 -18.51 16.66 7.21
N ASP A 70 -18.97 17.84 7.63
CA ASP A 70 -20.28 18.36 7.23
C ASP A 70 -20.21 19.17 5.97
N VAL A 71 -19.05 19.78 5.73
CA VAL A 71 -18.80 20.61 4.57
C VAL A 71 -17.34 20.47 4.16
N VAL A 72 -17.09 20.61 2.86
CA VAL A 72 -15.76 20.54 2.31
C VAL A 72 -15.41 21.85 1.60
N VAL A 73 -14.33 22.48 2.04
CA VAL A 73 -13.83 23.69 1.41
C VAL A 73 -12.46 23.40 0.78
N ALA A 74 -12.33 23.67 -0.51
CA ALA A 74 -11.04 23.51 -1.16
C ALA A 74 -10.57 24.82 -1.81
N GLU A 75 -9.30 25.16 -1.60
CA GLU A 75 -8.68 26.22 -2.37
C GLU A 75 -7.96 25.55 -3.54
N VAL A 76 -8.48 25.78 -4.75
CA VAL A 76 -8.09 25.02 -5.94
C VAL A 76 -7.25 25.78 -6.95
N THR A 77 -6.54 26.82 -6.51
CA THR A 77 -5.68 27.59 -7.40
C THR A 77 -4.42 26.80 -7.78
N GLN A 78 -3.77 26.21 -6.78
CA GLN A 78 -2.58 25.41 -7.00
C GLN A 78 -3.00 23.99 -7.38
N PRO A 79 -2.63 23.55 -8.61
CA PRO A 79 -2.99 22.18 -9.03
C PRO A 79 -2.38 21.14 -8.09
N SER A 80 -3.22 20.18 -7.68
CA SER A 80 -2.83 19.20 -6.69
C SER A 80 -3.65 17.93 -6.90
N LEU A 81 -2.94 16.82 -7.01
CA LEU A 81 -3.54 15.48 -7.07
C LEU A 81 -4.42 15.19 -5.85
N GLY A 82 -3.90 15.51 -4.66
CA GLY A 82 -4.56 15.21 -3.40
C GLY A 82 -5.84 16.00 -3.19
N VAL A 83 -5.79 17.29 -3.50
CA VAL A 83 -6.95 18.17 -3.44
C VAL A 83 -8.02 17.67 -4.42
N GLY A 84 -7.62 17.36 -5.66
CA GLY A 84 -8.52 16.79 -6.65
C GLY A 84 -9.18 15.51 -6.15
N TYR A 85 -8.36 14.64 -5.58
CA TYR A 85 -8.80 13.36 -5.04
C TYR A 85 -9.79 13.51 -3.88
N GLU A 86 -9.50 14.45 -2.98
CA GLU A 86 -10.41 14.75 -1.87
C GLU A 86 -11.75 15.28 -2.38
N LEU A 87 -11.72 16.10 -3.42
CA LEU A 87 -12.95 16.58 -4.06
C LEU A 87 -13.78 15.45 -4.67
N GLY A 88 -13.12 14.54 -5.38
CA GLY A 88 -13.80 13.41 -6.00
C GLY A 88 -14.46 12.49 -4.99
N ARG A 89 -13.71 12.14 -3.93
CA ARG A 89 -14.27 11.33 -2.85
C ARG A 89 -15.43 12.06 -2.18
N ALA A 90 -15.26 13.35 -1.94
CA ALA A 90 -16.30 14.16 -1.27
C ALA A 90 -17.59 14.20 -2.08
N VAL A 91 -17.48 14.40 -3.40
CA VAL A 91 -18.66 14.34 -4.28
C VAL A 91 -19.40 13.02 -4.12
N ALA A 92 -18.64 11.92 -4.09
CA ALA A 92 -19.20 10.59 -4.01
C ALA A 92 -19.73 10.27 -2.61
N LEU A 93 -19.36 11.10 -1.64
CA LEU A 93 -19.88 10.97 -0.28
C LEU A 93 -21.07 11.91 -0.06
N GLY A 94 -21.46 12.64 -1.10
CA GLY A 94 -22.59 13.57 -1.03
C GLY A 94 -22.35 14.79 -0.16
N LYS A 95 -21.09 15.15 0.02
CA LYS A 95 -20.72 16.32 0.82
C LYS A 95 -21.00 17.63 0.06
N PRO A 96 -21.47 18.66 0.78
CA PRO A 96 -21.53 19.99 0.14
C PRO A 96 -20.13 20.59 0.02
N ILE A 97 -19.84 21.14 -1.14
CA ILE A 97 -18.50 21.56 -1.50
C ILE A 97 -18.43 23.01 -1.98
N LEU A 98 -17.44 23.74 -1.44
CA LEU A 98 -17.07 25.07 -1.93
C LEU A 98 -15.62 25.05 -2.40
N CYS A 99 -15.40 25.42 -3.65
CA CYS A 99 -14.07 25.55 -4.20
C CYS A 99 -13.76 27.03 -4.37
N LEU A 100 -12.59 27.43 -3.90
CA LEU A 100 -12.14 28.80 -4.08
C LEU A 100 -10.98 28.86 -5.07
N PHE A 101 -11.15 29.65 -6.12
CA PHE A 101 -10.14 29.83 -7.17
C PHE A 101 -9.77 31.30 -7.34
N ARG A 102 -8.51 31.54 -7.70
CA ARG A 102 -7.95 32.87 -7.81
C ARG A 102 -7.53 33.15 -9.26
N PRO A 103 -8.39 33.83 -10.04
CA PRO A 103 -8.12 34.14 -11.45
C PRO A 103 -6.86 34.96 -11.70
N GLN A 104 -6.50 35.85 -10.77
CA GLN A 104 -5.32 36.71 -10.91
C GLN A 104 -3.99 35.93 -11.00
N SER A 105 -4.01 34.67 -10.56
CA SER A 105 -2.83 33.80 -10.62
C SER A 105 -2.42 33.54 -12.07
N GLY A 106 -3.36 33.69 -13.00
CA GLY A 106 -3.11 33.52 -14.41
C GLY A 106 -3.37 32.10 -14.89
N ARG A 107 -3.54 31.18 -13.94
CA ARG A 107 -3.88 29.79 -14.24
C ARG A 107 -5.33 29.64 -14.73
N VAL A 108 -5.58 28.55 -15.45
CA VAL A 108 -6.93 28.18 -15.84
C VAL A 108 -7.31 26.96 -15.01
N LEU A 109 -8.40 27.06 -14.26
CA LEU A 109 -8.85 25.96 -13.41
C LEU A 109 -9.26 24.74 -14.25
N SER A 110 -8.85 23.56 -13.78
CA SER A 110 -9.28 22.27 -14.31
C SER A 110 -10.76 22.26 -14.73
N ALA A 111 -11.03 21.82 -15.94
CA ALA A 111 -12.41 21.70 -16.45
C ALA A 111 -13.22 20.70 -15.64
N MET A 112 -12.52 19.77 -14.98
CA MET A 112 -13.16 18.76 -14.13
C MET A 112 -13.61 19.33 -12.79
N ILE A 113 -13.01 20.42 -12.36
CA ILE A 113 -13.42 21.06 -11.12
C ILE A 113 -14.47 22.10 -11.41
N ARG A 114 -14.19 22.95 -12.41
CA ARG A 114 -15.17 23.95 -12.78
C ARG A 114 -16.42 23.30 -13.35
N GLY A 115 -16.25 22.25 -14.15
CA GLY A 115 -17.36 21.50 -14.73
C GLY A 115 -18.15 20.66 -13.73
N ALA A 116 -17.57 20.42 -12.57
CA ALA A 116 -18.26 19.70 -11.49
C ALA A 116 -19.33 20.54 -10.79
N ALA A 117 -19.31 21.86 -11.01
CA ALA A 117 -20.25 22.76 -10.35
C ALA A 117 -21.68 22.33 -10.63
N ASP A 118 -22.47 22.24 -9.56
CA ASP A 118 -23.84 21.75 -9.66
C ASP A 118 -24.65 22.32 -8.51
N GLY A 119 -25.61 23.19 -8.86
CA GLY A 119 -26.53 23.79 -7.89
C GLY A 119 -25.83 24.34 -6.66
N SER A 120 -26.46 24.11 -5.52
CA SER A 120 -25.94 24.49 -4.21
C SER A 120 -24.89 23.50 -3.71
N ARG A 121 -24.88 22.29 -4.28
CA ARG A 121 -24.07 21.17 -3.78
C ARG A 121 -22.57 21.26 -4.05
N PHE A 122 -22.21 21.78 -5.21
CA PHE A 122 -20.81 21.93 -5.60
C PHE A 122 -20.63 23.29 -6.26
N GLN A 123 -19.95 24.18 -5.56
CA GLN A 123 -19.83 25.57 -6.00
C GLN A 123 -18.37 25.90 -6.21
N VAL A 124 -18.12 26.61 -7.30
CA VAL A 124 -16.78 27.13 -7.57
C VAL A 124 -16.84 28.65 -7.59
N TRP A 125 -16.10 29.28 -6.68
CA TRP A 125 -16.12 30.72 -6.53
C TRP A 125 -14.78 31.32 -6.92
N ASP A 126 -14.82 32.29 -7.82
CA ASP A 126 -13.67 33.10 -8.19
C ASP A 126 -13.55 34.29 -7.26
N TYR A 127 -12.35 34.52 -6.73
CA TYR A 127 -12.12 35.61 -5.78
C TYR A 127 -10.77 36.31 -5.97
N ALA A 128 -10.66 37.54 -5.48
CA ALA A 128 -9.38 38.26 -5.38
C ALA A 128 -8.80 38.01 -3.99
N GLU A 129 -7.48 37.79 -3.92
CA GLU A 129 -6.83 37.28 -2.68
C GLU A 129 -7.23 37.98 -1.38
N GLY A 130 -7.31 39.31 -1.44
CA GLY A 130 -7.65 40.11 -0.29
C GLY A 130 -9.09 40.00 0.16
N GLU A 131 -9.89 39.22 -0.56
CA GLU A 131 -11.31 39.06 -0.22
C GLU A 131 -11.66 37.65 0.26
N VAL A 132 -10.64 36.81 0.50
CA VAL A 132 -10.89 35.41 0.84
C VAL A 132 -11.74 35.21 2.10
N GLU A 133 -11.49 36.00 3.14
CA GLU A 133 -12.26 35.91 4.38
C GLU A 133 -13.72 36.35 4.20
N THR A 134 -13.92 37.43 3.44
CA THR A 134 -15.26 37.94 3.15
C THR A 134 -16.07 36.93 2.36
N MET A 135 -15.43 36.29 1.38
CA MET A 135 -16.04 35.23 0.57
C MET A 135 -16.47 34.03 1.42
N LEU A 136 -15.59 33.61 2.32
CA LEU A 136 -15.92 32.55 3.27
C LEU A 136 -17.11 32.94 4.14
N ASP A 137 -17.12 34.17 4.64
CA ASP A 137 -18.24 34.69 5.42
C ASP A 137 -19.53 34.61 4.60
N ARG A 138 -19.47 35.07 3.34
CA ARG A 138 -20.62 35.03 2.44
C ARG A 138 -21.20 33.62 2.31
N TYR A 139 -20.34 32.64 2.03
CA TYR A 139 -20.79 31.26 1.83
C TYR A 139 -21.46 30.68 3.07
N PHE A 140 -20.79 30.81 4.23
CA PHE A 140 -21.29 30.22 5.45
C PHE A 140 -22.56 30.89 5.97
N GLU A 141 -22.63 32.21 5.86
CA GLU A 141 -23.86 32.92 6.21
C GLU A 141 -25.04 32.45 5.37
N ALA A 142 -24.81 32.31 4.06
CA ALA A 142 -25.86 32.00 3.09
C ALA A 142 -26.35 30.56 3.15
N TYR A 143 -25.42 29.62 3.40
CA TYR A 143 -25.69 28.19 3.23
C TYR A 143 -25.48 27.35 4.48
N LEU A 144 -24.93 27.96 5.54
CA LEU A 144 -24.59 27.20 6.74
C LEU A 144 -25.09 27.91 7.98
N ARG B 3 -11.40 -4.14 -21.46
CA ARG B 3 -12.13 -3.91 -22.74
C ARG B 3 -12.23 -2.43 -23.06
N SER B 4 -12.65 -1.63 -22.09
CA SER B 4 -12.57 -0.17 -22.21
C SER B 4 -11.72 0.42 -21.07
N VAL B 5 -10.83 1.35 -21.43
CA VAL B 5 -9.83 1.91 -20.51
C VAL B 5 -9.97 3.42 -20.44
N TYR B 6 -9.93 3.96 -19.22
CA TYR B 6 -9.97 5.39 -19.02
C TYR B 6 -8.58 5.86 -18.58
N PHE B 7 -7.94 6.66 -19.42
CA PHE B 7 -6.62 7.20 -19.12
C PHE B 7 -6.70 8.63 -18.56
N CYS B 8 -6.05 8.85 -17.42
CA CYS B 8 -5.90 10.17 -16.81
C CYS B 8 -4.48 10.69 -16.97
N GLY B 9 -4.37 11.96 -17.39
CA GLY B 9 -3.10 12.66 -17.51
C GLY B 9 -3.34 14.14 -17.36
N SER B 10 -2.38 14.85 -16.77
CA SER B 10 -2.50 16.30 -16.54
C SER B 10 -2.71 17.09 -17.84
N ILE B 11 -3.64 18.04 -17.80
CA ILE B 11 -3.80 18.99 -18.92
C ILE B 11 -3.53 20.41 -18.41
N ARG B 12 -4.46 20.99 -17.66
CA ARG B 12 -4.26 22.33 -17.08
C ARG B 12 -3.27 22.35 -15.91
N GLY B 13 -2.96 21.19 -15.32
CA GLY B 13 -1.80 21.09 -14.41
C GLY B 13 -0.44 21.18 -15.11
N GLY B 14 -0.44 21.19 -16.43
CA GLY B 14 0.81 21.30 -17.19
C GLY B 14 1.00 20.11 -18.10
N ARG B 15 1.71 20.35 -19.20
CA ARG B 15 1.82 19.37 -20.30
C ARG B 15 3.24 18.81 -20.45
N GLU B 16 4.05 18.99 -19.41
CA GLU B 16 5.41 18.46 -19.33
C GLU B 16 5.61 17.02 -19.82
N ASP B 17 4.70 16.13 -19.42
CA ASP B 17 4.80 14.70 -19.68
C ASP B 17 3.91 14.23 -20.86
N GLN B 18 3.54 15.15 -21.74
CA GLN B 18 2.66 14.82 -22.88
C GLN B 18 3.16 13.67 -23.78
N ALA B 19 4.47 13.60 -24.03
CA ALA B 19 5.02 12.54 -24.88
C ALA B 19 4.89 11.16 -24.21
N LEU B 20 4.98 11.15 -22.87
CA LEU B 20 4.75 9.94 -22.09
C LEU B 20 3.29 9.52 -22.13
N TYR B 21 2.37 10.49 -22.08
CA TYR B 21 0.94 10.22 -22.23
C TYR B 21 0.63 9.56 -23.58
N ALA B 22 1.22 10.09 -24.66
CA ALA B 22 1.07 9.52 -25.99
C ALA B 22 1.52 8.06 -26.06
N ARG B 23 2.66 7.76 -25.42
CA ARG B 23 3.20 6.38 -25.41
C ARG B 23 2.30 5.44 -24.61
N ILE B 24 1.75 5.94 -23.51
CA ILE B 24 0.89 5.14 -22.63
C ILE B 24 -0.42 4.81 -23.36
N VAL B 25 -1.09 5.83 -23.88
CA VAL B 25 -2.31 5.65 -24.69
C VAL B 25 -2.07 4.66 -25.84
N SER B 26 -0.94 4.83 -26.53
CA SER B 26 -0.57 3.91 -27.61
C SER B 26 -0.54 2.45 -27.12
N ARG B 27 0.12 2.21 -25.98
CA ARG B 27 0.25 0.86 -25.43
C ARG B 27 -1.06 0.33 -24.84
N LEU B 28 -1.88 1.23 -24.32
CA LEU B 28 -3.20 0.86 -23.80
C LEU B 28 -4.14 0.36 -24.89
N ARG B 29 -3.96 0.84 -26.12
CA ARG B 29 -4.77 0.42 -27.27
C ARG B 29 -4.57 -1.06 -27.64
N ARG B 30 -3.57 -1.70 -27.03
CA ARG B 30 -3.36 -3.13 -27.20
C ARG B 30 -4.30 -3.95 -26.31
N TYR B 31 -4.86 -3.31 -25.29
CA TYR B 31 -5.62 -4.01 -24.25
C TYR B 31 -7.10 -3.62 -24.14
N GLY B 32 -7.49 -2.57 -24.85
CA GLY B 32 -8.87 -2.13 -24.89
C GLY B 32 -9.02 -0.81 -25.61
N LYS B 33 -10.25 -0.35 -25.77
CA LYS B 33 -10.44 0.98 -26.33
C LYS B 33 -10.20 2.01 -25.26
N VAL B 34 -9.45 3.05 -25.63
CA VAL B 34 -9.13 4.14 -24.72
C VAL B 34 -10.20 5.22 -24.90
N LEU B 35 -10.92 5.53 -23.82
CA LEU B 35 -12.01 6.51 -23.87
C LEU B 35 -11.52 7.95 -23.93
N THR B 36 -10.30 8.17 -23.44
CA THR B 36 -9.80 9.52 -23.22
C THR B 36 -8.51 9.81 -23.99
N GLU B 37 -8.47 9.43 -25.27
CA GLU B 37 -7.25 9.61 -26.07
C GLU B 37 -6.79 11.08 -26.20
N HIS B 38 -7.75 12.01 -26.14
CA HIS B 38 -7.49 13.46 -26.23
C HIS B 38 -6.40 13.97 -25.28
N VAL B 39 -6.22 13.29 -24.14
CA VAL B 39 -5.18 13.63 -23.17
C VAL B 39 -3.78 13.55 -23.78
N ALA B 40 -3.63 12.75 -24.84
CA ALA B 40 -2.35 12.55 -25.49
C ALA B 40 -2.08 13.49 -26.69
N ASP B 41 -3.05 14.37 -26.99
CA ASP B 41 -2.93 15.30 -28.13
C ASP B 41 -1.66 16.17 -28.06
N GLY B 53 -16.86 23.54 -26.22
CA GLY B 53 -17.80 22.65 -25.55
C GLY B 53 -18.26 23.14 -24.18
N GLY B 54 -17.30 23.61 -23.38
CA GLY B 54 -17.58 24.11 -22.04
C GLY B 54 -17.11 23.11 -21.00
N ASP B 55 -16.82 23.60 -19.79
CA ASP B 55 -16.33 22.76 -18.71
C ASP B 55 -17.40 21.76 -18.24
N GLN B 56 -18.65 22.21 -18.22
CA GLN B 56 -19.77 21.35 -17.83
C GLN B 56 -19.87 20.12 -18.73
N PHE B 57 -19.79 20.34 -20.04
CA PHE B 57 -19.84 19.26 -21.01
C PHE B 57 -18.64 18.32 -20.83
N ILE B 58 -17.43 18.87 -20.73
CA ILE B 58 -16.22 18.07 -20.49
C ILE B 58 -16.39 17.17 -19.27
N HIS B 59 -16.82 17.76 -18.15
CA HIS B 59 -17.01 17.01 -16.91
C HIS B 59 -18.03 15.87 -17.07
N GLU B 60 -19.17 16.17 -17.68
CA GLU B 60 -20.19 15.14 -17.91
C GLU B 60 -19.73 14.02 -18.85
N GLN B 61 -19.13 14.40 -19.99
CA GLN B 61 -18.57 13.44 -20.95
C GLN B 61 -17.56 12.48 -20.27
N ASN B 62 -16.62 13.06 -19.53
CA ASN B 62 -15.59 12.28 -18.85
C ASN B 62 -16.14 11.37 -17.75
N LEU B 63 -17.13 11.89 -17.02
CA LEU B 63 -17.74 11.15 -15.92
C LEU B 63 -18.55 9.96 -16.44
N ASN B 64 -19.24 10.14 -17.57
CA ASN B 64 -19.94 9.06 -18.22
C ASN B 64 -19.00 7.96 -18.68
N TRP B 65 -17.84 8.36 -19.22
CA TRP B 65 -16.81 7.42 -19.65
C TRP B 65 -16.20 6.66 -18.47
N LEU B 66 -15.95 7.39 -17.39
CA LEU B 66 -15.38 6.81 -16.18
C LEU B 66 -16.32 5.74 -15.58
N GLN B 67 -17.62 6.03 -15.56
CA GLN B 67 -18.64 5.13 -15.00
C GLN B 67 -18.73 3.81 -15.76
N GLN B 68 -18.42 3.85 -17.05
CA GLN B 68 -18.48 2.67 -17.89
C GLN B 68 -17.13 1.98 -18.10
N ALA B 69 -16.04 2.66 -17.71
CA ALA B 69 -14.69 2.10 -17.83
C ALA B 69 -14.54 0.77 -17.08
N ASP B 70 -13.80 -0.15 -17.67
CA ASP B 70 -13.43 -1.39 -17.01
C ASP B 70 -12.17 -1.21 -16.18
N VAL B 71 -11.31 -0.27 -16.58
CA VAL B 71 -10.05 -0.02 -15.88
C VAL B 71 -9.62 1.44 -16.02
N VAL B 72 -9.05 1.98 -14.95
CA VAL B 72 -8.58 3.36 -14.97
C VAL B 72 -7.06 3.39 -14.84
N VAL B 73 -6.40 4.02 -15.80
CA VAL B 73 -4.95 4.18 -15.75
C VAL B 73 -4.64 5.67 -15.67
N ALA B 74 -3.82 6.04 -14.70
CA ALA B 74 -3.43 7.43 -14.53
C ALA B 74 -1.90 7.58 -14.47
N GLU B 75 -1.38 8.56 -15.20
CA GLU B 75 -0.01 8.98 -15.01
C GLU B 75 -0.06 10.13 -14.01
N VAL B 76 0.58 9.94 -12.86
CA VAL B 76 0.38 10.82 -11.70
C VAL B 76 1.64 11.61 -11.29
N THR B 77 2.55 11.81 -12.23
CA THR B 77 3.78 12.53 -11.94
C THR B 77 3.52 14.04 -11.86
N GLN B 78 2.83 14.58 -12.86
CA GLN B 78 2.47 15.98 -12.87
C GLN B 78 1.20 16.19 -12.04
N PRO B 79 1.29 16.98 -10.94
CA PRO B 79 0.10 17.22 -10.12
C PRO B 79 -1.01 17.89 -10.92
N SER B 80 -2.25 17.43 -10.70
CA SER B 80 -3.38 17.81 -11.51
C SER B 80 -4.67 17.58 -10.73
N LEU B 81 -5.48 18.63 -10.62
CA LEU B 81 -6.78 18.59 -9.96
C LEU B 81 -7.68 17.57 -10.64
N GLY B 82 -7.73 17.63 -11.97
CA GLY B 82 -8.57 16.75 -12.77
C GLY B 82 -8.25 15.27 -12.62
N VAL B 83 -6.96 14.94 -12.70
CA VAL B 83 -6.51 13.55 -12.54
C VAL B 83 -6.88 13.05 -11.13
N GLY B 84 -6.53 13.82 -10.11
CA GLY B 84 -6.94 13.50 -8.74
C GLY B 84 -8.44 13.27 -8.65
N TYR B 85 -9.21 14.21 -9.20
CA TYR B 85 -10.66 14.13 -9.16
C TYR B 85 -11.17 12.85 -9.81
N GLU B 86 -10.63 12.53 -10.98
CA GLU B 86 -10.98 11.29 -11.70
C GLU B 86 -10.67 10.03 -10.89
N LEU B 87 -9.53 10.02 -10.19
CA LEU B 87 -9.15 8.90 -9.32
C LEU B 87 -10.10 8.79 -8.13
N GLY B 88 -10.47 9.94 -7.53
CA GLY B 88 -11.44 9.95 -6.43
C GLY B 88 -12.80 9.41 -6.83
N ARG B 89 -13.30 9.86 -7.98
CA ARG B 89 -14.59 9.38 -8.48
C ARG B 89 -14.53 7.90 -8.84
N ALA B 90 -13.41 7.49 -9.43
CA ALA B 90 -13.20 6.09 -9.82
C ALA B 90 -13.07 5.13 -8.63
N VAL B 91 -12.43 5.59 -7.55
CA VAL B 91 -12.31 4.80 -6.32
C VAL B 91 -13.68 4.49 -5.73
N ALA B 92 -14.49 5.53 -5.59
CA ALA B 92 -15.85 5.41 -5.06
C ALA B 92 -16.69 4.47 -5.94
N LEU B 93 -16.48 4.53 -7.25
CA LEU B 93 -17.21 3.66 -8.17
C LEU B 93 -16.74 2.20 -8.11
N GLY B 94 -15.55 1.98 -7.55
CA GLY B 94 -14.97 0.63 -7.44
C GLY B 94 -14.11 0.17 -8.61
N LYS B 95 -13.79 1.08 -9.52
CA LYS B 95 -13.01 0.73 -10.72
C LYS B 95 -11.55 0.37 -10.37
N PRO B 96 -11.02 -0.72 -10.97
CA PRO B 96 -9.60 -1.01 -10.75
C PRO B 96 -8.72 0.11 -11.29
N ILE B 97 -7.71 0.50 -10.50
CA ILE B 97 -6.88 1.67 -10.78
C ILE B 97 -5.38 1.31 -10.81
N LEU B 98 -4.70 1.73 -11.87
CA LEU B 98 -3.26 1.74 -11.93
C LEU B 98 -2.79 3.17 -12.02
N CYS B 99 -1.99 3.59 -11.06
CA CYS B 99 -1.30 4.87 -11.14
C CYS B 99 0.17 4.62 -11.47
N LEU B 100 0.68 5.41 -12.44
CA LEU B 100 2.07 5.36 -12.83
C LEU B 100 2.78 6.66 -12.44
N PHE B 101 3.79 6.54 -11.58
CA PHE B 101 4.59 7.69 -11.14
C PHE B 101 6.06 7.53 -11.53
N ARG B 102 6.66 8.62 -12.00
CA ARG B 102 8.05 8.62 -12.47
C ARG B 102 8.95 9.37 -11.46
N PRO B 103 9.63 8.63 -10.55
CA PRO B 103 10.39 9.34 -9.50
C PRO B 103 11.60 10.17 -10.00
N GLN B 104 12.13 9.88 -11.18
CA GLN B 104 13.29 10.64 -11.70
C GLN B 104 12.95 12.10 -11.98
N SER B 105 11.65 12.41 -12.00
CA SER B 105 11.18 13.79 -12.07
C SER B 105 11.71 14.68 -10.92
N GLY B 106 12.03 14.06 -9.79
CA GLY B 106 12.43 14.79 -8.57
C GLY B 106 11.25 15.10 -7.67
N ARG B 107 10.05 14.73 -8.10
CA ARG B 107 8.82 14.97 -7.32
C ARG B 107 8.59 13.88 -6.27
N VAL B 108 7.86 14.25 -5.22
CA VAL B 108 7.34 13.29 -4.28
C VAL B 108 5.85 13.19 -4.55
N LEU B 109 5.39 11.99 -4.88
CA LEU B 109 3.97 11.74 -5.12
C LEU B 109 3.07 12.07 -3.94
N SER B 110 1.96 12.74 -4.24
CA SER B 110 0.88 12.99 -3.28
C SER B 110 0.62 11.82 -2.33
N ALA B 111 0.72 12.09 -1.03
CA ALA B 111 0.36 11.12 0.01
C ALA B 111 -1.05 10.52 -0.18
N MET B 112 -1.99 11.33 -0.66
CA MET B 112 -3.35 10.89 -0.88
C MET B 112 -3.45 9.92 -2.06
N ILE B 113 -2.51 10.01 -3.01
CA ILE B 113 -2.46 9.06 -4.12
C ILE B 113 -1.67 7.79 -3.76
N ARG B 114 -0.45 7.96 -3.25
CA ARG B 114 0.31 6.77 -2.83
C ARG B 114 -0.36 5.99 -1.70
N GLY B 115 -0.96 6.71 -0.75
CA GLY B 115 -1.63 6.10 0.38
C GLY B 115 -2.94 5.42 0.04
N ALA B 116 -3.49 5.76 -1.12
CA ALA B 116 -4.74 5.17 -1.61
C ALA B 116 -4.56 3.74 -2.12
N ALA B 117 -3.31 3.33 -2.32
CA ALA B 117 -2.99 1.97 -2.79
C ALA B 117 -3.59 0.92 -1.86
N ASP B 118 -4.28 -0.04 -2.46
CA ASP B 118 -5.06 -1.03 -1.72
C ASP B 118 -5.31 -2.26 -2.58
N GLY B 119 -4.52 -3.31 -2.33
CA GLY B 119 -4.59 -4.57 -3.05
C GLY B 119 -4.66 -4.43 -4.57
N SER B 120 -5.61 -5.16 -5.16
CA SER B 120 -5.75 -5.20 -6.61
C SER B 120 -6.59 -4.05 -7.17
N ARG B 121 -7.28 -3.31 -6.31
CA ARG B 121 -8.20 -2.28 -6.81
C ARG B 121 -7.55 -0.91 -7.03
N PHE B 122 -6.46 -0.64 -6.34
CA PHE B 122 -5.73 0.62 -6.48
C PHE B 122 -4.23 0.36 -6.35
N GLN B 123 -3.53 0.38 -7.48
CA GLN B 123 -2.08 0.15 -7.46
C GLN B 123 -1.32 1.40 -7.88
N VAL B 124 -0.19 1.63 -7.21
CA VAL B 124 0.69 2.73 -7.53
C VAL B 124 2.08 2.20 -7.89
N TRP B 125 2.42 2.31 -9.17
CA TRP B 125 3.68 1.78 -9.69
C TRP B 125 4.63 2.90 -10.06
N ASP B 126 5.83 2.86 -9.47
CA ASP B 126 6.92 3.71 -9.90
C ASP B 126 7.59 3.12 -11.15
N TYR B 127 7.88 3.97 -12.13
CA TYR B 127 8.48 3.50 -13.38
C TYR B 127 9.65 4.37 -13.86
N ALA B 128 10.61 3.74 -14.52
CA ALA B 128 11.63 4.45 -15.29
C ALA B 128 11.04 4.68 -16.69
N GLU B 129 11.28 5.85 -17.29
CA GLU B 129 10.56 6.23 -18.52
C GLU B 129 10.68 5.24 -19.70
N GLY B 130 11.83 4.56 -19.80
CA GLY B 130 12.08 3.63 -20.90
C GLY B 130 11.35 2.29 -20.81
N GLU B 131 10.83 2.00 -19.62
CA GLU B 131 10.15 0.73 -19.33
C GLU B 131 8.62 0.87 -19.25
N VAL B 132 8.08 2.06 -19.48
CA VAL B 132 6.66 2.31 -19.26
C VAL B 132 5.74 1.35 -20.03
N GLU B 133 6.10 1.04 -21.27
CA GLU B 133 5.35 0.08 -22.10
C GLU B 133 5.32 -1.32 -21.48
N THR B 134 6.48 -1.85 -21.10
CA THR B 134 6.55 -3.20 -20.52
C THR B 134 5.87 -3.28 -19.16
N MET B 135 5.85 -2.16 -18.43
CA MET B 135 5.08 -2.05 -17.19
C MET B 135 3.58 -2.22 -17.43
N LEU B 136 3.08 -1.62 -18.51
CA LEU B 136 1.67 -1.73 -18.86
C LEU B 136 1.35 -3.13 -19.34
N ASP B 137 2.26 -3.73 -20.09
CA ASP B 137 2.13 -5.13 -20.52
C ASP B 137 1.96 -6.05 -19.30
N ARG B 138 2.78 -5.80 -18.29
CA ARG B 138 2.82 -6.63 -17.09
C ARG B 138 1.53 -6.50 -16.30
N TYR B 139 1.02 -5.27 -16.18
CA TYR B 139 -0.19 -5.01 -15.41
C TYR B 139 -1.37 -5.79 -15.99
N PHE B 140 -1.57 -5.67 -17.30
CA PHE B 140 -2.70 -6.30 -17.98
C PHE B 140 -2.52 -7.81 -18.10
N GLU B 141 -1.28 -8.25 -18.11
CA GLU B 141 -0.96 -9.67 -18.20
C GLU B 141 -1.22 -10.40 -16.86
N ALA B 142 -0.83 -9.77 -15.74
CA ALA B 142 -0.78 -10.48 -14.47
C ALA B 142 -1.26 -9.73 -13.22
N TYR B 143 -1.60 -8.45 -13.35
CA TYR B 143 -1.98 -7.64 -12.18
C TYR B 143 -3.37 -7.04 -12.30
N LEU B 144 -4.18 -7.57 -13.20
CA LEU B 144 -5.54 -7.06 -13.37
C LEU B 144 -6.57 -8.14 -13.12
N VAL B 145 -7.36 -7.99 -12.05
CA VAL B 145 -8.45 -8.93 -11.79
C VAL B 145 -9.58 -8.71 -12.80
N ARG C 3 2.39 0.63 25.46
CA ARG C 3 3.29 0.45 26.63
C ARG C 3 4.18 -0.80 26.48
N SER C 4 3.71 -1.78 25.72
CA SER C 4 4.59 -2.91 25.41
C SER C 4 4.81 -3.04 23.90
N VAL C 5 6.07 -3.12 23.51
CA VAL C 5 6.48 -3.15 22.11
C VAL C 5 7.16 -4.47 21.81
N TYR C 6 6.72 -5.14 20.75
CA TYR C 6 7.35 -6.38 20.30
C TYR C 6 8.24 -6.04 19.12
N PHE C 7 9.54 -6.29 19.28
CA PHE C 7 10.50 -6.05 18.19
C PHE C 7 10.94 -7.36 17.52
N CYS C 8 10.85 -7.38 16.18
CA CYS C 8 11.31 -8.49 15.34
C CYS C 8 12.55 -8.08 14.54
N GLY C 9 13.55 -8.97 14.53
CA GLY C 9 14.73 -8.82 13.69
C GLY C 9 15.33 -10.19 13.43
N SER C 10 16.02 -10.33 12.31
CA SER C 10 16.63 -11.60 11.91
C SER C 10 17.61 -12.14 12.95
N ILE C 11 17.52 -13.43 13.24
CA ILE C 11 18.51 -14.16 14.05
C ILE C 11 19.14 -15.28 13.20
N ARG C 12 18.41 -16.37 12.98
CA ARG C 12 18.91 -17.47 12.15
C ARG C 12 18.91 -17.18 10.65
N GLY C 13 18.18 -16.15 10.23
CA GLY C 13 18.30 -15.63 8.87
C GLY C 13 19.60 -14.85 8.67
N GLY C 14 20.24 -14.44 9.77
CA GLY C 14 21.52 -13.73 9.70
C GLY C 14 21.60 -12.50 10.59
N ARG C 15 22.81 -12.18 11.04
CA ARG C 15 23.06 -11.13 12.03
C ARG C 15 23.75 -9.88 11.47
N GLU C 16 23.77 -9.75 10.13
CA GLU C 16 24.33 -8.58 9.44
C GLU C 16 23.87 -7.22 10.00
N ASP C 17 22.58 -7.13 10.34
CA ASP C 17 22.00 -5.85 10.78
C ASP C 17 21.88 -5.75 12.31
N GLN C 18 22.72 -6.48 13.05
CA GLN C 18 22.64 -6.54 14.51
C GLN C 18 22.83 -5.18 15.22
N ALA C 19 23.74 -4.34 14.71
CA ALA C 19 23.98 -3.01 15.30
C ALA C 19 22.78 -2.08 15.10
N LEU C 20 22.08 -2.25 13.98
CA LEU C 20 20.82 -1.55 13.69
C LEU C 20 19.71 -1.97 14.66
N TYR C 21 19.60 -3.28 14.92
CA TYR C 21 18.61 -3.80 15.86
C TYR C 21 18.82 -3.24 17.27
N ALA C 22 20.09 -3.19 17.70
CA ALA C 22 20.47 -2.64 19.00
C ALA C 22 20.02 -1.18 19.11
N ARG C 23 20.20 -0.44 18.02
CA ARG C 23 19.78 0.95 17.94
C ARG C 23 18.25 1.12 17.94
N ILE C 24 17.55 0.24 17.25
CA ILE C 24 16.07 0.29 17.22
C ILE C 24 15.51 0.01 18.61
N VAL C 25 16.02 -1.05 19.24
CA VAL C 25 15.62 -1.42 20.60
C VAL C 25 15.89 -0.31 21.64
N SER C 26 17.08 0.29 21.62
CA SER C 26 17.39 1.35 22.58
C SER C 26 16.45 2.54 22.41
N ARG C 27 16.05 2.80 21.17
CA ARG C 27 15.12 3.88 20.88
C ARG C 27 13.66 3.54 21.26
N LEU C 28 13.25 2.31 20.98
CA LEU C 28 11.91 1.85 21.34
C LEU C 28 11.62 1.95 22.84
N ARG C 29 12.68 1.87 23.67
CA ARG C 29 12.58 2.06 25.14
C ARG C 29 12.04 3.43 25.59
N ARG C 30 12.11 4.44 24.71
CA ARG C 30 11.49 5.74 24.98
C ARG C 30 9.97 5.66 24.91
N TYR C 31 9.46 4.65 24.21
CA TYR C 31 8.04 4.59 23.86
C TYR C 31 7.29 3.40 24.44
N GLY C 32 7.98 2.62 25.27
CA GLY C 32 7.37 1.49 25.95
C GLY C 32 8.39 0.48 26.41
N LYS C 33 7.94 -0.62 27.00
CA LYS C 33 8.85 -1.69 27.31
C LYS C 33 8.96 -2.69 26.17
N VAL C 34 10.19 -3.04 25.81
CA VAL C 34 10.45 -3.94 24.70
C VAL C 34 10.50 -5.37 25.23
N LEU C 35 9.60 -6.20 24.74
CA LEU C 35 9.43 -7.57 25.22
C LEU C 35 10.57 -8.48 24.75
N THR C 36 11.12 -8.17 23.59
CA THR C 36 12.06 -9.05 22.89
C THR C 36 13.46 -8.45 22.75
N GLU C 37 13.98 -7.90 23.84
CA GLU C 37 15.29 -7.25 23.83
C GLU C 37 16.45 -8.13 23.33
N HIS C 38 16.33 -9.44 23.53
CA HIS C 38 17.40 -10.39 23.16
C HIS C 38 17.75 -10.38 21.67
N VAL C 39 16.80 -9.96 20.83
CA VAL C 39 16.98 -9.91 19.38
C VAL C 39 18.10 -8.94 19.03
N ALA C 40 18.28 -7.93 19.88
CA ALA C 40 19.44 -7.06 19.83
C ALA C 40 20.61 -7.73 20.54
N GLY C 53 14.03 -25.06 27.57
CA GLY C 53 14.37 -23.81 26.89
C GLY C 53 14.57 -23.95 25.39
N GLY C 54 14.07 -25.05 24.82
CA GLY C 54 14.23 -25.34 23.39
C GLY C 54 13.36 -24.50 22.46
N ASP C 55 13.28 -24.92 21.20
CA ASP C 55 12.55 -24.18 20.16
C ASP C 55 11.06 -24.05 20.48
N GLN C 56 10.45 -25.14 20.96
CA GLN C 56 9.04 -25.13 21.36
C GLN C 56 8.78 -24.04 22.40
N PHE C 57 9.67 -23.95 23.39
CA PHE C 57 9.58 -22.94 24.44
C PHE C 57 9.75 -21.53 23.87
N ILE C 58 10.74 -21.34 23.02
CA ILE C 58 10.96 -20.05 22.36
C ILE C 58 9.71 -19.58 21.60
N HIS C 59 9.13 -20.49 20.82
CA HIS C 59 7.91 -20.20 20.09
C HIS C 59 6.78 -19.75 21.03
N GLU C 60 6.57 -20.50 22.11
CA GLU C 60 5.49 -20.21 23.05
C GLU C 60 5.68 -18.89 23.79
N GLN C 61 6.90 -18.67 24.27
CA GLN C 61 7.28 -17.43 24.94
C GLN C 61 7.05 -16.23 24.03
N ASN C 62 7.52 -16.33 22.79
CA ASN C 62 7.37 -15.27 21.81
C ASN C 62 5.92 -15.02 21.40
N LEU C 63 5.14 -16.10 21.23
CA LEU C 63 3.73 -15.97 20.89
C LEU C 63 2.95 -15.28 22.01
N ASN C 64 3.25 -15.65 23.25
CA ASN C 64 2.62 -15.02 24.41
C ASN C 64 2.89 -13.51 24.48
N TRP C 65 4.12 -13.12 24.12
CA TRP C 65 4.53 -11.71 24.09
C TRP C 65 3.85 -10.98 22.95
N LEU C 66 3.80 -11.62 21.80
CA LEU C 66 3.15 -11.07 20.64
C LEU C 66 1.66 -10.81 20.88
N GLN C 67 1.01 -11.75 21.56
CA GLN C 67 -0.39 -11.65 21.94
C GLN C 67 -0.65 -10.48 22.88
N GLN C 68 0.32 -10.19 23.75
CA GLN C 68 0.22 -9.09 24.73
C GLN C 68 0.59 -7.73 24.15
N ALA C 69 1.44 -7.73 23.13
CA ALA C 69 2.01 -6.50 22.58
C ALA C 69 0.95 -5.49 22.15
N ASP C 70 1.23 -4.21 22.41
CA ASP C 70 0.39 -3.11 21.93
C ASP C 70 0.79 -2.71 20.51
N VAL C 71 2.06 -2.97 20.17
CA VAL C 71 2.65 -2.56 18.89
C VAL C 71 3.81 -3.49 18.49
N VAL C 72 3.85 -3.83 17.20
CA VAL C 72 4.88 -4.68 16.67
C VAL C 72 5.74 -3.88 15.69
N VAL C 73 7.05 -3.84 15.95
CA VAL C 73 8.00 -3.18 15.08
C VAL C 73 8.96 -4.25 14.53
N ALA C 74 9.02 -4.39 13.22
CA ALA C 74 9.99 -5.30 12.60
C ALA C 74 10.98 -4.56 11.73
N GLU C 75 12.25 -4.95 11.83
CA GLU C 75 13.23 -4.53 10.85
C GLU C 75 13.33 -5.67 9.85
N VAL C 76 12.92 -5.38 8.61
CA VAL C 76 12.65 -6.42 7.61
C VAL C 76 13.65 -6.47 6.43
N THR C 77 14.84 -5.92 6.64
CA THR C 77 15.85 -5.92 5.59
C THR C 77 16.44 -7.31 5.36
N GLN C 78 16.85 -7.98 6.43
CA GLN C 78 17.40 -9.34 6.32
C GLN C 78 16.27 -10.37 6.31
N PRO C 79 16.19 -11.18 5.22
CA PRO C 79 15.12 -12.16 5.13
C PRO C 79 15.19 -13.19 6.25
N SER C 80 14.04 -13.48 6.85
CA SER C 80 13.96 -14.30 8.05
C SER C 80 12.59 -14.97 8.12
N LEU C 81 12.59 -16.29 8.32
CA LEU C 81 11.36 -17.06 8.52
C LEU C 81 10.62 -16.59 9.77
N GLY C 82 11.37 -16.47 10.88
CA GLY C 82 10.82 -16.06 12.16
C GLY C 82 10.18 -14.68 12.10
N VAL C 83 10.86 -13.73 11.46
CA VAL C 83 10.34 -12.37 11.39
C VAL C 83 9.05 -12.33 10.57
N GLY C 84 9.05 -12.99 9.43
CA GLY C 84 7.84 -13.15 8.64
C GLY C 84 6.72 -13.76 9.46
N TYR C 85 7.02 -14.88 10.12
CA TYR C 85 6.05 -15.63 10.92
C TYR C 85 5.46 -14.78 12.05
N GLU C 86 6.32 -13.97 12.66
CA GLU C 86 5.89 -13.09 13.73
C GLU C 86 4.93 -12.05 13.15
N LEU C 87 5.24 -11.55 11.97
CA LEU C 87 4.40 -10.55 11.29
C LEU C 87 3.07 -11.14 10.87
N GLY C 88 3.09 -12.42 10.51
CA GLY C 88 1.89 -13.13 10.09
C GLY C 88 0.93 -13.42 11.24
N ARG C 89 1.50 -13.82 12.38
CA ARG C 89 0.71 -14.03 13.60
C ARG C 89 0.17 -12.68 14.11
N ALA C 90 1.00 -11.64 14.00
CA ALA C 90 0.65 -10.30 14.46
C ALA C 90 -0.51 -9.67 13.68
N VAL C 91 -0.48 -9.77 12.34
CA VAL C 91 -1.52 -9.27 11.45
C VAL C 91 -2.87 -9.89 11.81
N ALA C 92 -2.91 -11.22 11.89
CA ALA C 92 -4.12 -11.97 12.25
C ALA C 92 -4.68 -11.59 13.61
N LEU C 93 -3.78 -11.31 14.56
CA LEU C 93 -4.16 -10.83 15.88
C LEU C 93 -4.62 -9.38 15.84
N GLY C 94 -4.30 -8.68 14.76
CA GLY C 94 -4.74 -7.31 14.55
C GLY C 94 -3.81 -6.25 15.17
N LYS C 95 -2.59 -6.65 15.52
CA LYS C 95 -1.63 -5.74 16.16
C LYS C 95 -1.17 -4.65 15.19
N PRO C 96 -1.05 -3.40 15.68
CA PRO C 96 -0.43 -2.35 14.86
C PRO C 96 1.01 -2.72 14.54
N ILE C 97 1.39 -2.55 13.27
CA ILE C 97 2.68 -3.03 12.77
C ILE C 97 3.44 -1.95 11.99
N LEU C 98 4.70 -1.75 12.38
CA LEU C 98 5.65 -0.93 11.62
C LEU C 98 6.79 -1.81 11.14
N CYS C 99 6.97 -1.86 9.83
CA CYS C 99 8.12 -2.52 9.23
C CYS C 99 9.13 -1.49 8.72
N LEU C 100 10.40 -1.70 9.07
CA LEU C 100 11.49 -0.82 8.61
C LEU C 100 12.40 -1.53 7.60
N PHE C 101 12.46 -1.00 6.38
CA PHE C 101 13.27 -1.59 5.34
C PHE C 101 14.37 -0.62 4.88
N ARG C 102 15.57 -1.16 4.65
CA ARG C 102 16.72 -0.35 4.25
C ARG C 102 17.09 -0.63 2.78
N PRO C 103 16.61 0.21 1.84
CA PRO C 103 16.80 -0.10 0.41
C PRO C 103 18.26 -0.06 -0.01
N GLN C 104 19.08 0.66 0.76
CA GLN C 104 20.51 0.78 0.48
C GLN C 104 21.26 -0.54 0.53
N SER C 105 20.67 -1.55 1.19
CA SER C 105 21.21 -2.91 1.21
C SER C 105 21.38 -3.50 -0.19
N GLY C 106 20.55 -3.03 -1.14
CA GLY C 106 20.49 -3.59 -2.50
C GLY C 106 19.43 -4.65 -2.62
N ARG C 107 18.83 -5.03 -1.49
CA ARG C 107 17.75 -5.98 -1.48
C ARG C 107 16.44 -5.35 -1.95
N VAL C 108 15.55 -6.21 -2.43
CA VAL C 108 14.19 -5.86 -2.75
C VAL C 108 13.31 -6.55 -1.72
N LEU C 109 12.49 -5.76 -1.01
CA LEU C 109 11.65 -6.29 0.05
C LEU C 109 10.55 -7.24 -0.44
N SER C 110 10.44 -8.39 0.23
CA SER C 110 9.36 -9.35 0.03
C SER C 110 8.01 -8.71 -0.32
N ALA C 111 7.45 -9.12 -1.45
CA ALA C 111 6.13 -8.65 -1.88
C ALA C 111 5.05 -8.91 -0.82
N MET C 112 5.19 -10.00 -0.08
CA MET C 112 4.21 -10.39 0.94
C MET C 112 4.24 -9.46 2.14
N ILE C 113 5.40 -8.87 2.37
CA ILE C 113 5.55 -7.90 3.47
C ILE C 113 5.18 -6.49 3.01
N ARG C 114 5.77 -6.05 1.90
CA ARG C 114 5.43 -4.72 1.38
C ARG C 114 3.95 -4.62 0.99
N GLY C 115 3.43 -5.69 0.37
CA GLY C 115 2.03 -5.72 -0.05
C GLY C 115 1.02 -5.87 1.08
N ALA C 116 1.50 -6.19 2.28
CA ALA C 116 0.65 -6.34 3.45
C ALA C 116 0.29 -4.98 4.05
N ALA C 117 0.99 -3.93 3.61
CA ALA C 117 0.75 -2.57 4.06
C ALA C 117 -0.70 -2.20 3.83
N ASP C 118 -1.28 -1.52 4.82
CA ASP C 118 -2.71 -1.23 4.82
C ASP C 118 -3.02 -0.18 5.88
N GLY C 119 -3.20 1.06 5.44
CA GLY C 119 -3.53 2.19 6.30
C GLY C 119 -2.63 2.34 7.52
N SER C 120 -3.25 2.48 8.69
CA SER C 120 -2.52 2.65 9.95
C SER C 120 -2.12 1.30 10.53
N ARG C 121 -2.78 0.25 10.05
CA ARG C 121 -2.69 -1.08 10.64
C ARG C 121 -1.35 -1.76 10.38
N PHE C 122 -0.89 -1.68 9.13
CA PHE C 122 0.35 -2.29 8.73
C PHE C 122 1.08 -1.29 7.85
N GLN C 123 2.23 -0.84 8.32
CA GLN C 123 3.00 0.20 7.64
C GLN C 123 4.41 -0.25 7.31
N VAL C 124 4.85 0.06 6.10
CA VAL C 124 6.17 -0.30 5.63
C VAL C 124 6.94 0.95 5.23
N TRP C 125 7.95 1.27 6.02
CA TRP C 125 8.75 2.48 5.87
C TRP C 125 10.17 2.14 5.40
N ASP C 126 10.56 2.73 4.28
CA ASP C 126 11.95 2.72 3.83
C ASP C 126 12.73 3.74 4.67
N TYR C 127 13.89 3.35 5.19
CA TYR C 127 14.77 4.28 5.92
C TYR C 127 16.22 4.30 5.42
N ALA C 128 16.90 5.44 5.63
CA ALA C 128 18.34 5.52 5.53
C ALA C 128 18.88 5.28 6.93
N GLU C 129 19.95 4.49 7.06
CA GLU C 129 20.41 4.01 8.37
C GLU C 129 20.64 5.09 9.45
N GLY C 130 21.09 6.27 9.02
CA GLY C 130 21.40 7.36 9.95
C GLY C 130 20.17 8.04 10.53
N GLU C 131 19.00 7.76 9.96
CA GLU C 131 17.78 8.45 10.34
C GLU C 131 16.76 7.53 11.01
N VAL C 132 17.17 6.30 11.32
CA VAL C 132 16.25 5.29 11.85
C VAL C 132 15.60 5.71 13.19
N GLU C 133 16.37 6.37 14.05
CA GLU C 133 15.85 6.88 15.34
C GLU C 133 14.78 7.95 15.14
N THR C 134 15.09 8.93 14.29
CA THR C 134 14.18 10.01 13.90
C THR C 134 12.86 9.46 13.35
N MET C 135 12.94 8.39 12.58
CA MET C 135 11.75 7.75 12.00
C MET C 135 10.88 7.05 13.03
N LEU C 136 11.51 6.39 13.99
CA LEU C 136 10.81 5.78 15.12
C LEU C 136 10.14 6.86 15.98
N ASP C 137 10.84 7.97 16.22
CA ASP C 137 10.23 9.11 16.90
C ASP C 137 8.93 9.48 16.17
N ARG C 138 9.04 9.75 14.87
CA ARG C 138 7.90 10.15 14.04
C ARG C 138 6.72 9.17 14.09
N TYR C 139 7.01 7.87 14.08
CA TYR C 139 5.98 6.84 14.15
C TYR C 139 5.13 6.94 15.41
N PHE C 140 5.80 7.00 16.55
CA PHE C 140 5.14 6.99 17.86
C PHE C 140 4.45 8.30 18.18
N GLU C 141 4.98 9.40 17.66
CA GLU C 141 4.40 10.71 17.88
C GLU C 141 3.16 10.96 17.00
N ALA C 142 3.19 10.49 15.75
CA ALA C 142 2.16 10.88 14.76
C ALA C 142 1.51 9.77 13.94
N TYR C 143 2.16 8.61 13.82
CA TYR C 143 1.67 7.57 12.90
C TYR C 143 1.10 6.31 13.57
N LEU C 144 0.84 6.40 14.86
CA LEU C 144 0.30 5.26 15.61
C LEU C 144 -1.02 5.63 16.28
N VAL C 145 -2.09 4.94 15.89
CA VAL C 145 -3.42 5.15 16.49
C VAL C 145 -3.89 3.93 17.29
N ARG D 3 -9.18 -30.78 -4.43
CA ARG D 3 -8.17 -30.40 -3.40
C ARG D 3 -7.25 -29.29 -3.87
N SER D 4 -7.17 -28.22 -3.09
CA SER D 4 -6.27 -27.09 -3.38
C SER D 4 -5.06 -27.11 -2.47
N VAL D 5 -3.89 -26.86 -3.04
CA VAL D 5 -2.64 -26.90 -2.31
C VAL D 5 -1.91 -25.58 -2.47
N TYR D 6 -1.56 -24.95 -1.35
CA TYR D 6 -0.78 -23.73 -1.35
C TYR D 6 0.69 -24.07 -1.06
N PHE D 7 1.56 -23.83 -2.05
CA PHE D 7 2.99 -24.07 -1.86
C PHE D 7 3.76 -22.77 -1.64
N CYS D 8 4.64 -22.79 -0.64
CA CYS D 8 5.49 -21.66 -0.28
C CYS D 8 6.95 -21.98 -0.50
N GLY D 9 7.68 -21.01 -1.01
CA GLY D 9 9.11 -21.15 -1.19
C GLY D 9 9.68 -19.79 -1.47
N SER D 10 10.93 -19.59 -1.06
CA SER D 10 11.60 -18.31 -1.18
C SER D 10 11.68 -17.78 -2.61
N ILE D 11 11.37 -16.49 -2.75
CA ILE D 11 11.59 -15.79 -4.00
C ILE D 11 12.61 -14.68 -3.75
N ARG D 12 12.19 -13.57 -3.16
CA ARG D 12 13.11 -12.46 -2.86
C ARG D 12 14.05 -12.74 -1.67
N GLY D 13 13.79 -13.81 -0.94
CA GLY D 13 14.76 -14.31 0.03
C GLY D 13 15.89 -15.07 -0.67
N GLY D 14 15.73 -15.29 -1.98
CA GLY D 14 16.73 -16.01 -2.78
C GLY D 14 16.16 -17.20 -3.53
N ARG D 15 16.70 -17.44 -4.72
CA ARG D 15 16.18 -18.45 -5.64
C ARG D 15 17.05 -19.70 -5.71
N GLU D 16 17.88 -19.89 -4.68
CA GLU D 16 18.84 -20.99 -4.62
C GLU D 16 18.21 -22.35 -4.86
N ASP D 17 16.97 -22.52 -4.39
CA ASP D 17 16.27 -23.79 -4.44
C ASP D 17 15.12 -23.85 -5.46
N GLN D 18 15.17 -23.00 -6.48
CA GLN D 18 14.07 -22.89 -7.45
C GLN D 18 13.82 -24.20 -8.24
N ALA D 19 14.90 -24.91 -8.57
CA ALA D 19 14.80 -26.18 -9.28
C ALA D 19 14.13 -27.22 -8.39
N LEU D 20 14.49 -27.19 -7.11
CA LEU D 20 13.82 -28.01 -6.10
C LEU D 20 12.32 -27.66 -5.97
N TYR D 21 11.99 -26.37 -6.01
CA TYR D 21 10.59 -25.95 -5.94
C TYR D 21 9.78 -26.43 -7.14
N ALA D 22 10.41 -26.48 -8.32
CA ALA D 22 9.75 -26.99 -9.52
C ALA D 22 9.42 -28.48 -9.39
N ARG D 23 10.34 -29.25 -8.80
CA ARG D 23 10.13 -30.66 -8.45
C ARG D 23 8.94 -30.82 -7.48
N ILE D 24 8.91 -30.00 -6.43
CA ILE D 24 7.87 -30.08 -5.43
C ILE D 24 6.49 -29.80 -6.04
N VAL D 25 6.38 -28.70 -6.78
CA VAL D 25 5.12 -28.32 -7.45
C VAL D 25 4.64 -29.42 -8.41
N SER D 26 5.56 -30.01 -9.17
CA SER D 26 5.22 -31.09 -10.10
C SER D 26 4.62 -32.29 -9.38
N ARG D 27 5.23 -32.69 -8.28
CA ARG D 27 4.74 -33.81 -7.48
C ARG D 27 3.42 -33.48 -6.75
N LEU D 28 3.28 -32.25 -6.29
CA LEU D 28 2.05 -31.77 -5.65
C LEU D 28 0.83 -31.81 -6.58
N ARG D 29 1.08 -31.63 -7.88
CA ARG D 29 0.03 -31.67 -8.90
C ARG D 29 -0.70 -33.02 -8.93
N ARG D 30 -0.01 -34.09 -8.56
CA ARG D 30 -0.61 -35.44 -8.47
C ARG D 30 -1.68 -35.53 -7.39
N TYR D 31 -1.60 -34.65 -6.41
CA TYR D 31 -2.50 -34.68 -5.23
C TYR D 31 -3.54 -33.56 -5.19
N GLY D 32 -3.46 -32.61 -6.11
CA GLY D 32 -4.44 -31.53 -6.17
C GLY D 32 -3.99 -30.43 -7.09
N LYS D 33 -4.72 -29.31 -7.11
CA LYS D 33 -4.24 -28.14 -7.85
C LYS D 33 -3.36 -27.26 -6.95
N VAL D 34 -2.20 -26.92 -7.49
CA VAL D 34 -1.24 -26.09 -6.79
C VAL D 34 -1.61 -24.65 -7.12
N LEU D 35 -2.01 -23.92 -6.10
CA LEU D 35 -2.50 -22.55 -6.26
C LEU D 35 -1.37 -21.57 -6.60
N THR D 36 -0.17 -21.86 -6.11
CA THR D 36 0.99 -20.99 -6.25
C THR D 36 2.09 -21.61 -7.12
N GLU D 37 1.73 -22.07 -8.32
CA GLU D 37 2.73 -22.66 -9.23
C GLU D 37 3.87 -21.71 -9.61
N HIS D 38 3.67 -20.40 -9.39
CA HIS D 38 4.64 -19.41 -9.86
C HIS D 38 5.85 -19.22 -8.94
N VAL D 39 5.84 -19.89 -7.80
CA VAL D 39 7.02 -19.95 -6.93
C VAL D 39 8.15 -20.68 -7.68
N ALA D 40 7.78 -21.70 -8.47
CA ALA D 40 8.73 -22.52 -9.20
C ALA D 40 9.21 -21.89 -10.52
N ASP D 41 8.43 -20.95 -11.06
CA ASP D 41 8.80 -20.23 -12.28
C ASP D 41 8.79 -18.72 -12.06
N GLY D 53 5.46 -1.73 -6.37
CA GLY D 53 4.08 -1.26 -6.57
C GLY D 53 3.06 -2.39 -6.61
N GLY D 54 3.37 -3.42 -7.39
CA GLY D 54 2.48 -4.56 -7.59
C GLY D 54 2.45 -5.54 -6.43
N ASP D 55 3.12 -5.18 -5.33
CA ASP D 55 3.18 -6.03 -4.14
C ASP D 55 1.81 -6.13 -3.47
N GLN D 56 1.10 -5.01 -3.46
CA GLN D 56 -0.29 -4.96 -3.00
C GLN D 56 -1.12 -6.06 -3.66
N PHE D 57 -1.02 -6.19 -4.97
CA PHE D 57 -1.78 -7.17 -5.74
C PHE D 57 -1.35 -8.60 -5.39
N ILE D 58 -0.05 -8.81 -5.31
CA ILE D 58 0.54 -10.12 -4.98
C ILE D 58 0.06 -10.60 -3.62
N HIS D 59 0.12 -9.73 -2.62
CA HIS D 59 -0.30 -10.08 -1.27
C HIS D 59 -1.79 -10.43 -1.22
N GLU D 60 -2.62 -9.65 -1.92
CA GLU D 60 -4.07 -9.90 -1.98
C GLU D 60 -4.36 -11.20 -2.70
N GLN D 61 -3.74 -11.40 -3.86
CA GLN D 61 -3.91 -12.63 -4.63
C GLN D 61 -3.55 -13.86 -3.80
N ASN D 62 -2.37 -13.81 -3.16
CA ASN D 62 -1.88 -14.94 -2.37
C ASN D 62 -2.65 -15.21 -1.08
N LEU D 63 -3.14 -14.16 -0.43
CA LEU D 63 -3.97 -14.30 0.76
C LEU D 63 -5.25 -15.00 0.40
N ASN D 64 -5.86 -14.60 -0.72
CA ASN D 64 -7.07 -15.24 -1.22
C ASN D 64 -6.84 -16.73 -1.51
N TRP D 65 -5.73 -17.05 -2.17
CA TRP D 65 -5.35 -18.45 -2.41
C TRP D 65 -5.17 -19.23 -1.10
N LEU D 66 -4.48 -18.61 -0.14
CA LEU D 66 -4.28 -19.19 1.18
C LEU D 66 -5.59 -19.47 1.89
N GLN D 67 -6.55 -18.55 1.79
CA GLN D 67 -7.86 -18.74 2.41
C GLN D 67 -8.61 -19.93 1.80
N GLN D 68 -8.39 -20.14 0.50
CA GLN D 68 -8.97 -21.25 -0.27
C GLN D 68 -8.28 -22.61 0.00
N ALA D 69 -7.00 -22.58 0.38
CA ALA D 69 -6.16 -23.80 0.44
C ALA D 69 -6.65 -24.86 1.43
N ASP D 70 -6.56 -26.12 1.01
CA ASP D 70 -6.86 -27.26 1.89
C ASP D 70 -5.67 -27.63 2.75
N VAL D 71 -4.48 -27.37 2.22
CA VAL D 71 -3.23 -27.73 2.87
C VAL D 71 -2.11 -26.80 2.42
N VAL D 72 -1.21 -26.46 3.34
CA VAL D 72 -0.11 -25.56 3.06
C VAL D 72 1.22 -26.31 3.15
N VAL D 73 1.99 -26.23 2.07
CA VAL D 73 3.28 -26.90 1.99
C VAL D 73 4.38 -25.85 1.77
N ALA D 74 5.38 -25.88 2.63
CA ALA D 74 6.46 -24.90 2.56
C ALA D 74 7.80 -25.61 2.54
N GLU D 75 8.67 -25.18 1.64
CA GLU D 75 10.06 -25.57 1.70
C GLU D 75 10.76 -24.45 2.45
N VAL D 76 11.22 -24.74 3.66
CA VAL D 76 11.67 -23.70 4.60
C VAL D 76 13.19 -23.68 4.81
N THR D 77 13.94 -24.28 3.90
CA THR D 77 15.40 -24.27 3.97
C THR D 77 15.97 -22.85 3.75
N GLN D 78 15.49 -22.16 2.72
CA GLN D 78 15.97 -20.83 2.41
C GLN D 78 15.20 -19.80 3.23
N PRO D 79 15.90 -19.02 4.09
CA PRO D 79 15.20 -18.01 4.88
C PRO D 79 14.47 -17.01 3.97
N SER D 80 13.22 -16.73 4.32
CA SER D 80 12.34 -15.87 3.53
C SER D 80 11.30 -15.22 4.43
N LEU D 81 11.11 -13.92 4.30
CA LEU D 81 10.04 -13.19 5.01
C LEU D 81 8.65 -13.68 4.56
N GLY D 82 8.49 -13.85 3.24
CA GLY D 82 7.20 -14.15 2.65
C GLY D 82 6.71 -15.53 3.01
N VAL D 83 7.60 -16.52 2.95
CA VAL D 83 7.32 -17.88 3.39
C VAL D 83 6.93 -17.89 4.88
N GLY D 84 7.68 -17.16 5.71
CA GLY D 84 7.41 -17.09 7.15
C GLY D 84 6.05 -16.45 7.39
N TYR D 85 5.79 -15.34 6.71
CA TYR D 85 4.49 -14.67 6.74
C TYR D 85 3.34 -15.58 6.31
N GLU D 86 3.48 -16.29 5.19
CA GLU D 86 2.43 -17.19 4.70
C GLU D 86 2.13 -18.27 5.73
N LEU D 87 3.18 -18.79 6.35
CA LEU D 87 3.10 -19.75 7.44
C LEU D 87 2.37 -19.17 8.66
N GLY D 88 2.70 -17.93 9.01
CA GLY D 88 2.05 -17.25 10.14
C GLY D 88 0.57 -17.01 9.91
N ARG D 89 0.22 -16.62 8.68
CA ARG D 89 -1.20 -16.45 8.32
C ARG D 89 -1.93 -17.80 8.29
N ALA D 90 -1.25 -18.84 7.82
CA ALA D 90 -1.85 -20.17 7.67
C ALA D 90 -2.21 -20.80 9.02
N VAL D 91 -1.32 -20.66 10.01
CA VAL D 91 -1.61 -21.11 11.37
C VAL D 91 -2.88 -20.42 11.86
N ALA D 92 -2.91 -19.09 11.73
CA ALA D 92 -4.03 -18.30 12.23
C ALA D 92 -5.33 -18.53 11.44
N LEU D 93 -5.21 -19.18 10.28
CA LEU D 93 -6.38 -19.56 9.49
C LEU D 93 -6.77 -21.02 9.73
N GLY D 94 -6.03 -21.68 10.62
CA GLY D 94 -6.31 -23.07 11.00
C GLY D 94 -5.98 -24.10 9.92
N LYS D 95 -5.06 -23.76 9.02
CA LYS D 95 -4.64 -24.65 7.93
C LYS D 95 -3.69 -25.74 8.41
N PRO D 96 -3.83 -26.96 7.84
CA PRO D 96 -2.82 -28.00 8.10
C PRO D 96 -1.56 -27.68 7.31
N ILE D 97 -0.40 -27.78 7.97
CA ILE D 97 0.85 -27.28 7.43
C ILE D 97 1.96 -28.31 7.42
N LEU D 98 2.59 -28.47 6.27
CA LEU D 98 3.83 -29.25 6.15
C LEU D 98 5.02 -28.35 5.77
N CYS D 99 6.03 -28.33 6.62
CA CYS D 99 7.29 -27.66 6.34
C CYS D 99 8.36 -28.69 5.99
N LEU D 100 9.06 -28.45 4.90
CA LEU D 100 10.15 -29.32 4.47
C LEU D 100 11.48 -28.58 4.59
N PHE D 101 12.41 -29.19 5.31
CA PHE D 101 13.71 -28.59 5.61
C PHE D 101 14.86 -29.56 5.31
N ARG D 102 15.93 -29.03 4.71
CA ARG D 102 17.14 -29.81 4.44
C ARG D 102 18.26 -29.50 5.44
N PRO D 103 18.47 -30.40 6.44
CA PRO D 103 19.58 -30.21 7.39
C PRO D 103 20.98 -30.12 6.76
N GLN D 104 21.20 -30.73 5.59
CA GLN D 104 22.53 -30.73 4.97
C GLN D 104 22.89 -29.42 4.24
N SER D 105 21.92 -28.50 4.16
CA SER D 105 22.19 -27.14 3.67
C SER D 105 23.19 -26.42 4.58
N GLY D 106 23.24 -26.85 5.83
CA GLY D 106 24.14 -26.27 6.81
C GLY D 106 23.44 -25.23 7.66
N ARG D 107 22.29 -24.77 7.18
CA ARG D 107 21.49 -23.77 7.87
C ARG D 107 20.87 -24.32 9.14
N VAL D 108 20.59 -23.43 10.09
CA VAL D 108 19.81 -23.78 11.27
C VAL D 108 18.42 -23.23 11.05
N LEU D 109 17.42 -24.09 11.11
CA LEU D 109 16.05 -23.66 10.90
C LEU D 109 15.56 -22.79 12.05
N SER D 110 14.90 -21.69 11.67
CA SER D 110 14.29 -20.75 12.60
C SER D 110 13.57 -21.47 13.75
N ALA D 111 13.88 -21.03 14.96
CA ALA D 111 13.25 -21.55 16.15
C ALA D 111 11.74 -21.34 16.12
N MET D 112 11.31 -20.28 15.44
CA MET D 112 9.91 -19.92 15.36
C MET D 112 9.15 -20.85 14.41
N ILE D 113 9.87 -21.50 13.50
CA ILE D 113 9.23 -22.48 12.62
C ILE D 113 9.34 -23.86 13.23
N ARG D 114 10.53 -24.22 13.69
CA ARG D 114 10.70 -25.52 14.35
C ARG D 114 9.84 -25.61 15.63
N GLY D 115 9.74 -24.50 16.35
CA GLY D 115 8.95 -24.43 17.57
C GLY D 115 7.45 -24.32 17.36
N ALA D 116 7.03 -24.01 16.14
CA ALA D 116 5.61 -23.95 15.79
C ALA D 116 4.97 -25.33 15.62
N ALA D 117 5.81 -26.36 15.49
CA ALA D 117 5.37 -27.76 15.36
C ALA D 117 4.33 -28.13 16.41
N ASP D 118 3.18 -28.64 15.95
CA ASP D 118 2.04 -28.92 16.82
C ASP D 118 1.27 -30.12 16.28
N GLY D 119 1.58 -31.29 16.82
CA GLY D 119 0.98 -32.54 16.40
C GLY D 119 1.00 -32.72 14.90
N SER D 120 -0.14 -33.11 14.34
CA SER D 120 -0.29 -33.30 12.91
C SER D 120 -0.69 -32.00 12.21
N ARG D 121 -1.09 -31.00 13.00
CA ARG D 121 -1.56 -29.72 12.47
C ARG D 121 -0.46 -28.89 11.79
N PHE D 122 0.71 -28.87 12.41
CA PHE D 122 1.87 -28.15 11.89
C PHE D 122 3.08 -29.07 12.06
N GLN D 123 3.57 -29.60 10.95
CA GLN D 123 4.64 -30.59 10.97
C GLN D 123 5.86 -30.08 10.24
N VAL D 124 7.02 -30.28 10.85
CA VAL D 124 8.29 -29.93 10.25
C VAL D 124 9.09 -31.20 9.93
N TRP D 125 9.35 -31.41 8.65
CA TRP D 125 9.98 -32.64 8.18
C TRP D 125 11.36 -32.36 7.64
N ASP D 126 12.37 -32.90 8.31
CA ASP D 126 13.74 -32.95 7.82
C ASP D 126 13.86 -34.03 6.73
N TYR D 127 14.49 -33.68 5.62
CA TYR D 127 14.70 -34.65 4.52
C TYR D 127 16.05 -34.49 3.83
N ALA D 128 16.57 -35.60 3.30
CA ALA D 128 17.79 -35.58 2.51
C ALA D 128 17.46 -35.16 1.09
N GLU D 129 18.39 -34.44 0.45
CA GLU D 129 18.17 -34.01 -0.94
C GLU D 129 18.05 -35.22 -1.85
N GLY D 130 17.17 -35.12 -2.85
CA GLY D 130 16.88 -36.22 -3.76
C GLY D 130 15.78 -37.11 -3.21
N GLU D 131 15.23 -36.75 -2.06
CA GLU D 131 14.17 -37.54 -1.43
C GLU D 131 12.89 -36.73 -1.19
N VAL D 132 12.87 -35.49 -1.66
CA VAL D 132 11.75 -34.60 -1.43
C VAL D 132 10.41 -35.13 -1.94
N GLU D 133 10.41 -35.82 -3.09
CA GLU D 133 9.17 -36.36 -3.67
C GLU D 133 8.62 -37.52 -2.85
N THR D 134 9.48 -38.43 -2.42
CA THR D 134 9.04 -39.56 -1.59
C THR D 134 8.45 -39.04 -0.28
N MET D 135 9.08 -38.02 0.28
CA MET D 135 8.59 -37.39 1.52
C MET D 135 7.19 -36.83 1.34
N LEU D 136 6.98 -36.09 0.25
CA LEU D 136 5.66 -35.55 -0.10
C LEU D 136 4.60 -36.64 -0.20
N ASP D 137 4.92 -37.69 -0.96
CA ASP D 137 4.08 -38.87 -1.04
C ASP D 137 3.70 -39.40 0.34
N ARG D 138 4.69 -39.57 1.20
CA ARG D 138 4.48 -40.10 2.55
C ARG D 138 3.51 -39.23 3.35
N TYR D 139 3.72 -37.91 3.32
CA TYR D 139 2.83 -36.97 4.00
C TYR D 139 1.40 -37.03 3.48
N PHE D 140 1.25 -37.04 2.15
CA PHE D 140 -0.08 -36.98 1.53
C PHE D 140 -0.87 -38.29 1.68
N GLU D 141 -0.19 -39.43 1.52
CA GLU D 141 -0.80 -40.73 1.77
C GLU D 141 -1.28 -40.89 3.21
N ALA D 142 -0.50 -40.37 4.16
CA ALA D 142 -0.81 -40.51 5.58
C ALA D 142 -1.92 -39.56 6.07
N TYR D 143 -1.92 -38.32 5.60
CA TYR D 143 -2.77 -37.29 6.18
C TYR D 143 -3.83 -36.69 5.26
N LEU D 144 -3.81 -37.10 3.99
CA LEU D 144 -4.73 -36.53 3.01
C LEU D 144 -5.24 -37.59 2.05
N VAL D 145 -4.75 -38.82 2.24
CA VAL D 145 -5.02 -39.98 1.38
C VAL D 145 -4.82 -39.72 -0.11
OP3 6IA E . 0.05 16.73 -1.32
P 6IA E . -1.12 17.13 -2.35
OP1 6IA E . -0.92 18.46 -2.97
OP2 6IA E . -1.21 15.96 -3.42
O5' 6IA E . -2.52 17.04 -1.56
C5' 6IA E . -2.77 17.87 -0.45
C4' 6IA E . -4.05 17.39 0.22
O4' 6IA E . -3.94 16.02 0.69
C3' 6IA E . -4.32 18.28 1.40
O3' 6IA E . -5.62 18.82 1.20
C2' 6IA E . -4.28 17.38 2.64
O2' 6IA E . -5.57 17.33 3.28
C1' 6IA E . -3.89 15.98 2.13
N9 6IA E . -2.51 15.66 2.55
C8 6IA E . -1.46 15.46 1.74
N7 6IA E . -0.38 15.22 2.49
C5 6IA E . -0.72 15.28 3.77
C6 6IA E . -0.04 15.12 4.97
N6 6IA E . 1.27 14.84 5.00
N1 6IA E . -0.72 15.24 6.12
C2 6IA E . -2.02 15.50 6.12
N3 6IA E . -2.70 15.66 5.00
C4 6IA E . -2.09 15.55 3.81
C12 6IA E . 2.16 15.31 6.10
C13 6IA E . 2.14 14.42 7.16
C14 6IA E . 1.52 14.54 8.42
C15 6IA E . 0.72 15.81 8.81
C16 6IA E . 1.64 13.41 9.45
OP3 6IA F . -6.88 19.44 -14.03
P 6IA F . -6.35 18.88 -15.44
OP1 6IA F . -6.81 19.94 -16.51
OP2 6IA F . -4.90 18.61 -15.47
O5' 6IA F . -7.25 17.58 -15.70
C5' 6IA F . -6.85 16.63 -16.63
C4' 6IA F . -7.75 15.42 -16.51
O4' 6IA F . -9.15 15.78 -16.61
C3' 6IA F . -7.42 14.54 -17.71
O3' 6IA F . -7.24 13.21 -17.24
C2' 6IA F . -8.59 14.67 -18.68
O2' 6IA F . -9.18 13.38 -18.93
C1' 6IA F . -9.60 15.61 -18.00
N9 6IA F . -9.71 16.93 -18.73
C8 6IA F . -9.36 18.13 -18.22
N7 6IA F . -9.55 19.07 -19.15
C5 6IA F . -10.05 18.50 -20.24
C6 6IA F . -10.44 19.00 -21.48
N6 6IA F . -10.36 20.31 -21.75
N1 6IA F . -10.90 18.13 -22.40
C2 6IA F . -11.00 16.83 -22.13
N3 6IA F . -10.63 16.33 -20.95
C4 6IA F . -10.14 17.14 -19.99
C12 6IA F . -9.08 20.91 -22.15
C13 6IA F . -9.29 22.11 -22.82
C14 6IA F . -8.38 23.16 -22.97
C15 6IA F . -8.79 24.41 -23.76
C16 6IA F . -6.99 23.09 -22.34
OP3 6IA G . 15.81 -16.97 13.72
P 6IA G . 15.01 -16.07 12.68
OP1 6IA G . 15.87 -15.08 11.95
OP2 6IA G . 14.26 -17.08 11.72
O5' 6IA G . 13.83 -15.38 13.56
C5' 6IA G . 14.08 -14.21 14.30
C4' 6IA G . 12.79 -13.73 14.99
O4' 6IA G . 12.09 -14.80 15.68
C3' 6IA G . 13.09 -12.65 16.04
O3' 6IA G . 12.26 -11.50 15.78
C2' 6IA G . 12.82 -13.28 17.40
O2' 6IA G . 11.81 -12.56 18.14
C1' 6IA G . 12.38 -14.73 17.12
N9 6IA G . 13.43 -15.74 17.49
C8 6IA G . 14.00 -16.60 16.64
N7 6IA G . 14.89 -17.36 17.30
C5 6IA G . 14.90 -16.98 18.56
C6 6IA G . 15.61 -17.39 19.67
N6 6IA G . 16.50 -18.39 19.54
N1 6IA G . 15.37 -16.80 20.85
C2 6IA G . 14.47 -15.82 20.96
N3 6IA G . 13.77 -15.40 19.90
C4 6IA G . 13.96 -15.96 18.70
C12 6IA G . 17.96 -18.16 19.59
C13 6IA G . 18.58 -19.40 19.75
C14 6IA G . 19.87 -19.69 20.21
C15 6IA G . 20.87 -18.60 20.62
C16 6IA G . 20.30 -21.16 20.30
OP3 6IA H . 10.99 -14.97 -0.51
P 6IA H . 9.75 -13.93 -0.43
OP1 6IA H . 9.75 -13.25 -1.86
OP2 6IA H . 9.86 -12.99 0.69
O5' 6IA H . 8.42 -14.86 -0.29
C5' 6IA H . 8.07 -15.81 -1.26
C4' 6IA H . 6.64 -16.28 -1.00
O4' 6IA H . 5.64 -15.21 -1.15
C3' 6IA H . 6.31 -17.38 -1.99
O3' 6IA H . 6.02 -18.55 -1.22
C2' 6IA H . 5.09 -16.89 -2.78
O2' 6IA H . 3.93 -17.68 -2.45
C1' 6IA H . 4.89 -15.41 -2.37
N9 6IA H . 5.38 -14.46 -3.42
C8 6IA H . 6.39 -13.58 -3.31
N7 6IA H . 6.53 -12.91 -4.47
C5 6IA H . 5.61 -13.37 -5.31
C6 6IA H . 5.28 -13.06 -6.62
N6 6IA H . 5.97 -12.12 -7.28
N1 6IA H . 4.25 -13.71 -7.20
C2 6IA H . 3.56 -14.63 -6.55
N3 6IA H . 3.87 -14.95 -5.29
C4 6IA H . 4.87 -14.33 -4.65
C12 6IA H . 6.22 -12.21 -8.75
C13 6IA H . 5.10 -11.72 -9.45
C14 6IA H . 4.14 -12.43 -10.16
C15 6IA H . 4.20 -13.95 -10.32
C16 6IA H . 2.98 -11.66 -10.82
#